data_7SA2
#
_entry.id   7SA2
#
_cell.length_a   60.533
_cell.length_b   79.242
_cell.length_c   111.579
_cell.angle_alpha   90.000
_cell.angle_beta   90.000
_cell.angle_gamma   90.000
#
_symmetry.space_group_name_H-M   'P 21 21 21'
#
loop_
_entity.id
_entity.type
_entity.pdbx_description
1 polymer 'MHC class I antigen'
2 polymer Beta-2-microglobulin
3 polymer "Spike protein S2' peptide VVFLHVTYV"
4 non-polymer 'CADMIUM ION'
5 non-polymer 'SODIUM ION'
6 water water
#
loop_
_entity_poly.entity_id
_entity_poly.type
_entity_poly.pdbx_seq_one_letter_code
_entity_poly.pdbx_strand_id
1 'polypeptide(L)'
;GSHSMRYFFTSVSRPGRGEPRFIAVGYVDDTQFVRFDSDAASQRMEPRAPWIEQEGPEYWDGETRKVKAHSQTHRVDLGT
LRGYYNQSEAGSHTVQRMYGCDVGSDWRFLRGYHQYAYDGKDYIALKEDLRSWTAADMAAQTTKHKWEAAHVAEQLRAYL
EGTCVEWLRRYLENGKETLQRTDAPKTHMTHHAVSDHEATLRCWALSFYPAEITLTWQRDGEDQTQDTELVETRPAGDGT
FQKWAAVVVPSGQEQRYTCHVQHEGLPKPLTLRWEPSS
;
A
2 'polypeptide(L)'
;MIQRTPKIQVYSRHPAENGKSNFLNCYVSGFHPSDIEVDLLKNGERIEKVEHSDLSFSKDWSFYLLYYTEFTPTEKDEYA
CRVNHVTLSQPKIVKWDRDM
;
B
3 'polypeptide(L)' VVFLHVTYV C
#
# COMPACT_ATOMS: atom_id res chain seq x y z
N GLY A 1 19.93 1.81 -4.66
CA GLY A 1 19.49 2.17 -6.03
C GLY A 1 18.76 3.51 -6.02
N SER A 2 17.55 3.64 -6.67
CA SER A 2 16.71 4.86 -6.49
C SER A 2 15.85 4.56 -5.22
N HIS A 3 15.63 5.56 -4.34
CA HIS A 3 14.95 5.33 -3.06
C HIS A 3 13.97 6.44 -2.73
N SER A 4 13.04 6.17 -1.80
CA SER A 4 12.09 7.20 -1.44
C SER A 4 11.75 7.11 0.04
N MET A 5 11.33 8.24 0.65
CA MET A 5 10.77 8.19 1.99
C MET A 5 9.39 8.83 1.88
N ARG A 6 8.35 8.17 2.41
CA ARG A 6 7.00 8.76 2.27
C ARG A 6 6.22 8.58 3.57
N TYR A 7 5.42 9.58 3.92
CA TYR A 7 4.54 9.49 5.08
C TYR A 7 3.10 9.64 4.60
N PHE A 8 2.21 8.85 5.18
CA PHE A 8 0.80 8.82 4.81
C PHE A 8 0.01 9.07 6.09
N PHE A 9 -0.95 9.97 6.03
CA PHE A 9 -1.76 10.33 7.23
C PHE A 9 -3.21 10.27 6.83
N THR A 10 -4.05 9.66 7.66
CA THR A 10 -5.50 9.60 7.38
C THR A 10 -6.20 9.98 8.70
N SER A 11 -7.16 10.93 8.62
CA SER A 11 -8.03 11.26 9.77
C SER A 11 -9.47 11.08 9.31
N VAL A 12 -10.27 10.44 10.13
CA VAL A 12 -11.68 10.16 9.80
C VAL A 12 -12.48 10.72 10.96
N SER A 13 -13.39 11.65 10.67
CA SER A 13 -14.18 12.26 11.73
C SER A 13 -15.16 11.26 12.37
N ARG A 14 -15.45 11.46 13.68
CA ARG A 14 -16.33 10.60 14.46
C ARG A 14 -17.36 11.54 15.08
N PRO A 15 -18.42 11.86 14.31
CA PRO A 15 -19.40 12.86 14.79
C PRO A 15 -20.12 12.53 16.09
N GLY A 16 -20.26 11.25 16.38
CA GLY A 16 -20.98 10.80 17.57
C GLY A 16 -20.29 11.20 18.86
N ARG A 17 -18.96 11.03 18.90
CA ARG A 17 -18.21 11.33 20.13
C ARG A 17 -16.72 11.34 19.85
N GLY A 18 -16.05 12.33 20.45
CA GLY A 18 -14.61 12.40 20.47
C GLY A 18 -13.93 12.88 19.21
N GLU A 19 -12.61 12.72 19.22
CA GLU A 19 -11.70 13.16 18.16
CA GLU A 19 -11.70 13.15 18.16
C GLU A 19 -11.71 12.19 16.96
N PRO A 20 -11.23 12.66 15.79
CA PRO A 20 -11.15 11.76 14.63
C PRO A 20 -10.24 10.56 14.88
N ARG A 21 -10.46 9.46 14.14
CA ARG A 21 -9.57 8.31 14.13
C ARG A 21 -8.37 8.78 13.31
N PHE A 22 -7.14 8.67 13.84
CA PHE A 22 -5.95 9.15 13.11
C PHE A 22 -4.92 8.05 12.97
N ILE A 23 -4.44 7.82 11.74
CA ILE A 23 -3.44 6.78 11.45
C ILE A 23 -2.36 7.41 10.61
N ALA A 24 -1.10 7.24 11.04
CA ALA A 24 0.06 7.74 10.31
C ALA A 24 0.99 6.59 10.10
N VAL A 25 1.57 6.49 8.88
CA VAL A 25 2.53 5.42 8.57
CA VAL A 25 2.49 5.40 8.55
C VAL A 25 3.68 6.02 7.80
N GLY A 26 4.89 5.58 8.11
CA GLY A 26 6.10 6.02 7.40
C GLY A 26 6.69 4.86 6.65
N TYR A 27 7.18 5.13 5.42
CA TYR A 27 7.82 4.12 4.56
C TYR A 27 9.14 4.61 4.06
N VAL A 28 10.08 3.67 3.93
CA VAL A 28 11.30 3.87 3.15
C VAL A 28 11.10 2.85 2.02
N ASP A 29 11.04 3.33 0.77
CA ASP A 29 10.72 2.44 -0.37
C ASP A 29 9.40 1.72 -0.05
N ASP A 30 9.40 0.37 -0.12
CA ASP A 30 8.19 -0.39 0.19
C ASP A 30 8.22 -0.98 1.59
N THR A 31 9.05 -0.45 2.50
CA THR A 31 9.12 -0.97 3.86
C THR A 31 8.52 -0.01 4.85
N GLN A 32 7.49 -0.45 5.59
CA GLN A 32 6.91 0.39 6.65
C GLN A 32 7.90 0.40 7.82
N PHE A 33 8.23 1.58 8.33
CA PHE A 33 9.18 1.61 9.43
C PHE A 33 8.65 2.27 10.71
N VAL A 34 7.57 3.08 10.61
CA VAL A 34 7.02 3.74 11.81
C VAL A 34 5.52 3.78 11.63
N ARG A 35 4.81 3.88 12.76
CA ARG A 35 3.34 4.06 12.71
C ARG A 35 2.86 4.78 13.94
N PHE A 36 1.72 5.45 13.81
CA PHE A 36 1.01 6.05 14.93
C PHE A 36 -0.45 5.72 14.71
N ASP A 37 -1.12 5.18 15.72
CA ASP A 37 -2.55 4.90 15.60
C ASP A 37 -3.25 5.52 16.80
N SER A 38 -4.16 6.49 16.58
CA SER A 38 -4.90 7.13 17.69
C SER A 38 -5.67 6.10 18.55
N ASP A 39 -5.99 4.92 18.01
CA ASP A 39 -6.72 3.90 18.79
C ASP A 39 -5.78 2.99 19.62
N ALA A 40 -4.46 3.06 19.37
CA ALA A 40 -3.51 2.22 20.09
C ALA A 40 -3.21 2.78 21.48
N ALA A 41 -2.83 1.91 22.43
CA ALA A 41 -2.63 2.32 23.82
C ALA A 41 -1.41 3.21 24.09
N SER A 42 -0.31 3.05 23.36
CA SER A 42 0.91 3.81 23.68
C SER A 42 0.83 5.33 23.48
N GLN A 43 0.09 5.79 22.41
CA GLN A 43 0.00 7.20 22.04
C GLN A 43 1.41 7.72 21.72
N ARG A 44 2.21 6.82 21.15
CA ARG A 44 3.56 7.17 20.74
C ARG A 44 3.76 6.75 19.29
N MET A 45 4.66 7.42 18.58
CA MET A 45 5.12 6.93 17.27
C MET A 45 5.89 5.62 17.62
N GLU A 46 5.56 4.52 16.92
CA GLU A 46 6.10 3.18 17.21
C GLU A 46 6.97 2.67 16.06
N PRO A 47 8.05 1.93 16.38
CA PRO A 47 8.89 1.36 15.32
C PRO A 47 8.23 0.15 14.69
N ARG A 48 8.45 -0.04 13.39
CA ARG A 48 7.91 -1.16 12.62
C ARG A 48 8.99 -1.88 11.78
N ALA A 49 10.25 -1.48 11.92
CA ALA A 49 11.41 -2.07 11.26
C ALA A 49 12.55 -2.17 12.30
N PRO A 50 13.37 -3.24 12.30
CA PRO A 50 14.44 -3.34 13.33
C PRO A 50 15.51 -2.24 13.28
N TRP A 51 15.82 -1.73 12.08
CA TRP A 51 16.84 -0.69 11.93
C TRP A 51 16.45 0.70 12.48
N ILE A 52 15.16 0.94 12.77
CA ILE A 52 14.76 2.25 13.34
C ILE A 52 14.77 2.18 14.89
N GLU A 53 14.74 0.98 15.46
CA GLU A 53 14.70 0.79 16.93
C GLU A 53 15.94 1.37 17.66
N GLN A 54 17.07 1.50 16.95
CA GLN A 54 18.32 2.07 17.47
C GLN A 54 18.22 3.59 17.68
N GLU A 55 17.19 4.25 17.11
CA GLU A 55 17.04 5.69 17.34
C GLU A 55 16.73 5.92 18.83
N GLY A 56 17.30 6.98 19.39
CA GLY A 56 17.18 7.28 20.82
C GLY A 56 15.87 7.89 21.27
N PRO A 57 15.69 8.11 22.60
CA PRO A 57 14.44 8.72 23.10
C PRO A 57 14.09 10.10 22.52
N GLU A 58 15.11 10.94 22.20
CA GLU A 58 14.86 12.26 21.64
CA GLU A 58 14.89 12.27 21.63
C GLU A 58 14.14 12.12 20.30
N TYR A 59 14.56 11.13 19.49
CA TYR A 59 13.94 10.84 18.19
C TYR A 59 12.45 10.52 18.39
N TRP A 60 12.13 9.52 19.24
CA TRP A 60 10.74 9.09 19.48
C TRP A 60 9.88 10.18 20.09
N ASP A 61 10.46 11.00 20.99
CA ASP A 61 9.72 12.12 21.58
C ASP A 61 9.32 13.14 20.53
N GLY A 62 10.28 13.50 19.69
CA GLY A 62 10.13 14.46 18.61
C GLY A 62 9.11 13.99 17.58
N GLU A 63 9.21 12.69 17.17
CA GLU A 63 8.27 12.13 16.18
C GLU A 63 6.88 12.07 16.78
N THR A 64 6.78 11.73 18.05
CA THR A 64 5.46 11.68 18.71
C THR A 64 4.81 13.06 18.75
N ARG A 65 5.57 14.08 19.15
CA ARG A 65 5.08 15.46 19.24
CA ARG A 65 5.11 15.47 19.24
C ARG A 65 4.59 15.94 17.89
N LYS A 66 5.38 15.72 16.82
CA LYS A 66 5.00 16.18 15.48
C LYS A 66 3.79 15.48 14.94
N VAL A 67 3.71 14.16 15.13
CA VAL A 67 2.60 13.39 14.60
CA VAL A 67 2.59 13.39 14.62
C VAL A 67 1.31 13.77 15.35
N LYS A 68 1.40 14.04 16.67
CA LYS A 68 0.23 14.49 17.42
C LYS A 68 -0.24 15.88 16.91
N ALA A 69 0.68 16.77 16.56
CA ALA A 69 0.36 18.10 15.98
C ALA A 69 -0.32 17.90 14.61
N HIS A 70 0.11 16.87 13.82
CA HIS A 70 -0.57 16.57 12.52
C HIS A 70 -2.01 16.21 12.77
N SER A 71 -2.22 15.35 13.79
CA SER A 71 -3.56 14.86 14.14
CA SER A 71 -3.57 14.88 14.11
C SER A 71 -4.46 16.04 14.51
N GLN A 72 -3.92 17.01 15.29
CA GLN A 72 -4.73 18.16 15.69
C GLN A 72 -5.04 19.07 14.53
N THR A 73 -4.09 19.25 13.62
CA THR A 73 -4.31 20.07 12.41
C THR A 73 -5.44 19.43 11.58
N HIS A 74 -5.43 18.09 11.40
CA HIS A 74 -6.46 17.42 10.62
C HIS A 74 -7.80 17.52 11.30
N ARG A 75 -7.81 17.52 12.65
CA ARG A 75 -9.09 17.65 13.37
C ARG A 75 -9.72 19.02 13.05
N VAL A 76 -8.94 20.07 13.10
CA VAL A 76 -9.41 21.42 12.78
C VAL A 76 -9.79 21.52 11.29
N ASP A 77 -8.98 20.91 10.41
CA ASP A 77 -9.27 20.92 8.97
C ASP A 77 -10.58 20.29 8.65
N LEU A 78 -10.91 19.18 9.33
CA LEU A 78 -12.18 18.49 9.08
C LEU A 78 -13.36 19.42 9.35
N GLY A 79 -13.26 20.23 10.41
CA GLY A 79 -14.28 21.24 10.72
C GLY A 79 -14.31 22.34 9.67
N THR A 80 -13.12 22.83 9.27
CA THR A 80 -12.99 23.90 8.26
C THR A 80 -13.59 23.50 6.93
N LEU A 81 -13.24 22.29 6.47
CA LEU A 81 -13.73 21.73 5.21
C LEU A 81 -15.19 21.49 5.20
N ARG A 82 -15.75 21.05 6.35
CA ARG A 82 -17.20 20.86 6.49
C ARG A 82 -17.90 22.22 6.19
N GLY A 83 -17.34 23.32 6.69
CA GLY A 83 -17.80 24.70 6.48
C GLY A 83 -17.63 25.16 5.05
N TYR A 84 -16.45 24.93 4.43
CA TYR A 84 -16.20 25.29 3.01
C TYR A 84 -17.16 24.60 2.04
N TYR A 85 -17.55 23.35 2.33
CA TYR A 85 -18.40 22.53 1.48
C TYR A 85 -19.87 22.52 1.96
N ASN A 86 -20.17 23.34 2.98
CA ASN A 86 -21.51 23.50 3.58
C ASN A 86 -22.17 22.12 3.89
N GLN A 87 -21.42 21.27 4.60
CA GLN A 87 -21.86 19.93 4.98
C GLN A 87 -22.31 19.91 6.43
N SER A 88 -23.17 18.94 6.79
CA SER A 88 -23.68 18.80 8.16
C SER A 88 -22.65 18.24 9.12
N GLU A 89 -22.87 18.45 10.42
CA GLU A 89 -22.01 17.96 11.49
C GLU A 89 -22.31 16.47 11.81
N ALA A 90 -23.30 15.84 11.14
CA ALA A 90 -23.73 14.46 11.36
C ALA A 90 -22.97 13.35 10.61
N GLY A 91 -22.35 13.66 9.47
CA GLY A 91 -21.65 12.63 8.70
C GLY A 91 -20.17 12.52 9.02
N SER A 92 -19.57 11.41 8.62
CA SER A 92 -18.14 11.14 8.78
C SER A 92 -17.43 11.57 7.49
N HIS A 93 -16.31 12.28 7.62
CA HIS A 93 -15.53 12.75 6.47
C HIS A 93 -14.09 12.36 6.68
N THR A 94 -13.30 12.43 5.62
CA THR A 94 -11.90 12.00 5.70
C THR A 94 -10.96 13.01 5.13
N VAL A 95 -9.80 13.18 5.77
N VAL A 95 -9.81 13.18 5.78
CA VAL A 95 -8.71 13.96 5.20
CA VAL A 95 -8.69 13.99 5.29
C VAL A 95 -7.53 13.00 5.07
C VAL A 95 -7.52 13.00 5.10
N GLN A 96 -6.81 13.09 3.94
CA GLN A 96 -5.62 12.26 3.71
C GLN A 96 -4.52 13.20 3.32
N ARG A 97 -3.30 12.89 3.75
CA ARG A 97 -2.16 13.72 3.40
C ARG A 97 -0.99 12.76 3.16
N MET A 98 -0.21 13.03 2.11
CA MET A 98 0.98 12.24 1.80
C MET A 98 2.08 13.21 1.42
N TYR A 99 3.28 12.98 1.94
CA TYR A 99 4.42 13.77 1.53
C TYR A 99 5.69 12.92 1.58
N GLY A 100 6.70 13.37 0.86
CA GLY A 100 7.96 12.63 0.88
C GLY A 100 8.95 13.08 -0.18
N CYS A 101 10.07 12.37 -0.22
CA CYS A 101 11.13 12.72 -1.14
C CYS A 101 11.64 11.48 -1.84
N ASP A 102 12.20 11.66 -3.04
CA ASP A 102 12.83 10.60 -3.83
C ASP A 102 14.28 11.02 -4.05
N VAL A 103 15.17 10.04 -4.00
CA VAL A 103 16.61 10.27 -4.26
C VAL A 103 16.98 9.30 -5.39
N GLY A 104 17.98 9.66 -6.21
CA GLY A 104 18.45 8.77 -7.26
C GLY A 104 19.50 7.79 -6.74
N SER A 105 20.18 7.06 -7.67
CA SER A 105 21.25 6.07 -7.34
C SER A 105 22.44 6.65 -6.58
N ASP A 106 22.70 7.96 -6.74
CA ASP A 106 23.75 8.72 -6.07
C ASP A 106 23.25 9.30 -4.70
N TRP A 107 22.00 8.96 -4.30
CA TRP A 107 21.31 9.40 -3.08
C TRP A 107 21.13 10.91 -3.00
N ARG A 108 21.06 11.55 -4.15
CA ARG A 108 20.82 12.99 -4.24
C ARG A 108 19.35 13.20 -4.52
N PHE A 109 18.82 14.32 -4.03
CA PHE A 109 17.42 14.74 -4.21
C PHE A 109 16.99 14.68 -5.67
N LEU A 110 15.87 13.99 -5.98
CA LEU A 110 15.31 13.89 -7.32
C LEU A 110 14.02 14.69 -7.38
N ARG A 111 13.10 14.46 -6.42
CA ARG A 111 11.81 15.14 -6.36
CA ARG A 111 11.86 15.22 -6.35
C ARG A 111 11.17 15.09 -4.97
N GLY A 112 10.27 16.03 -4.70
CA GLY A 112 9.56 16.10 -3.44
C GLY A 112 8.09 16.21 -3.75
N TYR A 113 7.23 15.84 -2.79
CA TYR A 113 5.80 15.94 -3.01
CA TYR A 113 5.77 15.77 -2.96
C TYR A 113 5.09 16.14 -1.69
N HIS A 114 3.90 16.74 -1.77
CA HIS A 114 3.05 17.02 -0.62
C HIS A 114 1.66 17.17 -1.22
N GLN A 115 0.77 16.21 -0.93
CA GLN A 115 -0.59 16.18 -1.51
C GLN A 115 -1.58 16.01 -0.38
N TYR A 116 -2.75 16.65 -0.55
CA TYR A 116 -3.81 16.62 0.44
CA TYR A 116 -3.82 16.64 0.45
C TYR A 116 -5.13 16.33 -0.28
N ALA A 117 -5.99 15.51 0.33
CA ALA A 117 -7.28 15.12 -0.21
C ALA A 117 -8.35 15.25 0.82
N TYR A 118 -9.56 15.60 0.38
CA TYR A 118 -10.73 15.65 1.26
C TYR A 118 -11.78 14.71 0.66
N ASP A 119 -12.30 13.77 1.46
CA ASP A 119 -13.24 12.75 1.02
C ASP A 119 -12.79 11.99 -0.23
N GLY A 120 -11.50 11.69 -0.27
CA GLY A 120 -10.90 10.88 -1.33
C GLY A 120 -10.70 11.58 -2.65
N LYS A 121 -10.82 12.90 -2.68
CA LYS A 121 -10.60 13.67 -3.91
C LYS A 121 -9.44 14.63 -3.72
N ASP A 122 -8.69 14.93 -4.79
CA ASP A 122 -7.63 15.95 -4.71
C ASP A 122 -8.20 17.24 -4.16
N TYR A 123 -7.47 17.83 -3.21
CA TYR A 123 -7.84 19.10 -2.62
C TYR A 123 -6.74 20.11 -2.99
N ILE A 124 -5.53 19.95 -2.44
CA ILE A 124 -4.43 20.88 -2.77
C ILE A 124 -3.14 20.07 -2.80
N ALA A 125 -2.23 20.41 -3.73
CA ALA A 125 -0.98 19.69 -3.81
C ALA A 125 0.12 20.66 -4.17
N LEU A 126 1.30 20.39 -3.66
CA LEU A 126 2.47 21.19 -4.01
C LEU A 126 2.91 20.77 -5.41
N LYS A 127 3.23 21.75 -6.26
CA LYS A 127 3.70 21.40 -7.61
C LYS A 127 5.16 20.93 -7.55
N GLU A 128 5.66 20.27 -8.62
CA GLU A 128 7.03 19.72 -8.64
C GLU A 128 8.13 20.78 -8.45
N ASP A 129 7.82 22.08 -8.72
CA ASP A 129 8.79 23.15 -8.47
C ASP A 129 9.02 23.39 -6.97
N LEU A 130 8.10 22.86 -6.11
CA LEU A 130 8.12 23.03 -4.64
C LEU A 130 7.95 24.51 -4.26
N ARG A 131 7.30 25.28 -5.12
CA ARG A 131 7.11 26.71 -4.83
C ARG A 131 5.64 27.08 -4.92
N SER A 132 4.89 26.39 -5.76
CA SER A 132 3.49 26.72 -6.02
C SER A 132 2.54 25.57 -5.72
N TRP A 133 1.24 25.87 -5.71
CA TRP A 133 0.15 24.97 -5.32
C TRP A 133 -0.86 24.75 -6.45
N THR A 134 -1.40 23.51 -6.53
CA THR A 134 -2.48 23.13 -7.43
C THR A 134 -3.71 23.00 -6.53
N ALA A 135 -4.69 23.89 -6.68
CA ALA A 135 -5.94 23.89 -5.92
C ALA A 135 -6.96 23.31 -6.90
N ALA A 136 -7.61 22.21 -6.52
CA ALA A 136 -8.53 21.52 -7.41
C ALA A 136 -9.87 22.26 -7.61
N ASP A 137 -10.29 23.06 -6.62
CA ASP A 137 -11.57 23.76 -6.64
C ASP A 137 -11.52 25.06 -5.86
N MET A 138 -12.63 25.78 -5.76
CA MET A 138 -12.65 27.09 -5.08
C MET A 138 -12.40 27.02 -3.58
N ALA A 139 -12.80 25.94 -2.89
CA ALA A 139 -12.51 25.79 -1.46
C ALA A 139 -10.96 25.67 -1.31
N ALA A 140 -10.33 24.83 -2.13
CA ALA A 140 -8.86 24.67 -2.11
C ALA A 140 -8.15 25.99 -2.51
N GLN A 141 -8.81 26.83 -3.37
CA GLN A 141 -8.23 28.12 -3.75
CA GLN A 141 -8.25 28.13 -3.77
C GLN A 141 -8.11 29.04 -2.52
N THR A 142 -9.09 28.99 -1.60
CA THR A 142 -9.06 29.75 -0.35
C THR A 142 -7.82 29.30 0.47
N THR A 143 -7.61 27.97 0.55
CA THR A 143 -6.45 27.40 1.25
C THR A 143 -5.15 27.85 0.58
N LYS A 144 -5.07 27.75 -0.76
CA LYS A 144 -3.90 28.16 -1.53
C LYS A 144 -3.46 29.61 -1.15
N HIS A 145 -4.40 30.55 -1.12
CA HIS A 145 -4.12 31.95 -0.70
C HIS A 145 -3.62 32.08 0.72
N LYS A 146 -4.19 31.31 1.65
CA LYS A 146 -3.71 31.29 3.04
C LYS A 146 -2.26 30.75 3.09
N TRP A 147 -1.99 29.64 2.35
CA TRP A 147 -0.67 29.00 2.35
C TRP A 147 0.38 29.86 1.67
N GLU A 148 -0.02 30.60 0.63
CA GLU A 148 0.91 31.55 -0.02
C GLU A 148 1.32 32.64 0.99
N ALA A 149 0.34 33.17 1.76
CA ALA A 149 0.58 34.20 2.78
C ALA A 149 1.42 33.72 3.95
N ALA A 150 1.33 32.43 4.32
CA ALA A 150 2.09 31.88 5.44
C ALA A 150 3.45 31.24 5.07
N HIS A 151 3.98 31.40 3.82
CA HIS A 151 5.31 30.86 3.40
C HIS A 151 5.35 29.33 3.52
N VAL A 152 4.18 28.68 3.38
CA VAL A 152 4.12 27.23 3.56
C VAL A 152 5.02 26.47 2.63
N ALA A 153 4.97 26.80 1.32
CA ALA A 153 5.78 26.09 0.32
C ALA A 153 7.28 26.25 0.59
N GLU A 154 7.73 27.39 1.13
CA GLU A 154 9.16 27.59 1.48
C GLU A 154 9.59 26.61 2.56
N GLN A 155 8.75 26.48 3.60
CA GLN A 155 9.08 25.57 4.71
C GLN A 155 9.07 24.14 4.22
N LEU A 156 8.10 23.78 3.34
CA LEU A 156 8.06 22.43 2.79
C LEU A 156 9.25 22.14 1.91
N ARG A 157 9.61 23.07 1.00
CA ARG A 157 10.78 22.90 0.13
C ARG A 157 12.07 22.66 0.95
N ALA A 158 12.24 23.40 2.06
CA ALA A 158 13.40 23.30 2.93
C ALA A 158 13.41 21.87 3.54
N TYR A 159 12.24 21.37 3.96
CA TYR A 159 12.17 20.01 4.53
C TYR A 159 12.41 18.94 3.47
N LEU A 160 11.70 19.02 2.34
CA LEU A 160 11.77 18.00 1.28
C LEU A 160 13.14 17.87 0.64
N GLU A 161 13.82 19.01 0.42
CA GLU A 161 15.16 18.99 -0.19
C GLU A 161 16.29 18.80 0.81
N GLY A 162 16.04 19.05 2.10
CA GLY A 162 17.05 19.00 3.14
C GLY A 162 16.86 17.87 4.10
N THR A 163 16.09 18.12 5.17
CA THR A 163 15.77 17.18 6.24
C THR A 163 15.34 15.77 5.74
N CYS A 164 14.34 15.74 4.85
CA CYS A 164 13.76 14.51 4.32
C CYS A 164 14.87 13.65 3.71
N VAL A 165 15.68 14.27 2.82
CA VAL A 165 16.82 13.63 2.13
CA VAL A 165 16.74 13.52 2.16
C VAL A 165 17.89 13.17 3.12
N GLU A 166 18.22 14.04 4.11
CA GLU A 166 19.27 13.72 5.08
C GLU A 166 18.87 12.54 5.94
N TRP A 167 17.60 12.49 6.37
CA TRP A 167 17.16 11.34 7.18
C TRP A 167 17.01 10.08 6.36
N LEU A 168 16.54 10.20 5.11
CA LEU A 168 16.45 9.03 4.21
C LEU A 168 17.86 8.36 4.06
N ARG A 169 18.91 9.15 3.80
CA ARG A 169 20.28 8.64 3.68
CA ARG A 169 20.29 8.65 3.69
C ARG A 169 20.70 7.93 4.98
N ARG A 170 20.35 8.50 6.14
CA ARG A 170 20.64 7.87 7.43
C ARG A 170 19.93 6.51 7.55
N TYR A 171 18.63 6.45 7.21
CA TYR A 171 17.87 5.19 7.29
C TYR A 171 18.42 4.14 6.34
N LEU A 172 18.76 4.54 5.10
CA LEU A 172 19.34 3.61 4.10
C LEU A 172 20.64 3.00 4.61
N GLU A 173 21.43 3.81 5.34
N GLU A 173 21.45 3.79 5.32
CA GLU A 173 22.71 3.39 5.91
CA GLU A 173 22.72 3.31 5.88
C GLU A 173 22.48 2.44 7.10
C GLU A 173 22.43 2.38 7.08
N ASN A 174 21.60 2.82 8.04
CA ASN A 174 21.26 2.01 9.22
C ASN A 174 20.55 0.71 8.89
N GLY A 175 19.69 0.74 7.87
CA GLY A 175 18.98 -0.46 7.46
C GLY A 175 19.52 -1.12 6.23
N LYS A 176 20.81 -0.86 5.88
CA LYS A 176 21.41 -1.39 4.65
C LYS A 176 21.21 -2.88 4.40
N GLU A 177 21.25 -3.72 5.45
CA GLU A 177 21.10 -5.19 5.32
C GLU A 177 19.81 -5.60 4.65
N THR A 178 18.76 -4.79 4.81
CA THR A 178 17.47 -5.06 4.17
C THR A 178 17.11 -4.01 3.16
N LEU A 179 17.19 -2.73 3.53
CA LEU A 179 16.80 -1.64 2.59
C LEU A 179 17.57 -1.59 1.29
N GLN A 180 18.84 -1.99 1.34
CA GLN A 180 19.66 -1.99 0.14
C GLN A 180 19.80 -3.36 -0.47
N ARG A 181 19.09 -4.35 0.04
CA ARG A 181 19.15 -5.69 -0.52
C ARG A 181 17.97 -5.83 -1.48
N THR A 182 18.20 -6.38 -2.70
CA THR A 182 17.05 -6.58 -3.61
C THR A 182 16.73 -8.07 -3.50
N ASP A 183 15.44 -8.41 -3.51
CA ASP A 183 15.05 -9.82 -3.44
C ASP A 183 14.46 -10.08 -4.80
N ALA A 184 15.19 -10.82 -5.63
CA ALA A 184 14.70 -11.11 -6.99
C ALA A 184 13.49 -12.06 -6.91
N PRO A 185 12.55 -11.99 -7.87
CA PRO A 185 11.41 -12.88 -7.79
C PRO A 185 11.77 -14.35 -7.94
N LYS A 186 11.10 -15.15 -7.14
CA LYS A 186 11.20 -16.60 -7.20
CA LYS A 186 11.19 -16.61 -7.18
C LYS A 186 10.06 -17.01 -8.12
N THR A 187 10.41 -17.48 -9.32
CA THR A 187 9.39 -17.77 -10.33
C THR A 187 9.14 -19.23 -10.58
N HIS A 188 7.93 -19.53 -11.02
CA HIS A 188 7.53 -20.86 -11.43
C HIS A 188 6.28 -20.76 -12.27
N MET A 189 6.02 -21.80 -13.03
CA MET A 189 4.82 -21.83 -13.85
CA MET A 189 4.86 -21.90 -13.92
C MET A 189 3.93 -23.02 -13.48
N THR A 190 2.61 -22.77 -13.50
CA THR A 190 1.60 -23.79 -13.20
C THR A 190 0.73 -23.95 -14.44
N HIS A 191 0.09 -25.10 -14.56
CA HIS A 191 -0.73 -25.45 -15.72
C HIS A 191 -2.07 -25.95 -15.20
N HIS A 192 -3.18 -25.39 -15.70
CA HIS A 192 -4.52 -25.74 -15.22
C HIS A 192 -5.41 -26.00 -16.41
N ALA A 193 -5.73 -27.27 -16.65
CA ALA A 193 -6.63 -27.65 -17.76
C ALA A 193 -7.99 -27.06 -17.38
N VAL A 194 -8.39 -25.99 -18.07
CA VAL A 194 -9.52 -25.09 -17.72
C VAL A 194 -10.86 -25.45 -18.40
N SER A 195 -10.80 -26.05 -19.56
CA SER A 195 -11.98 -26.43 -20.31
C SER A 195 -11.62 -27.67 -21.10
N ASP A 196 -12.32 -27.92 -22.19
CA ASP A 196 -12.12 -29.11 -22.99
C ASP A 196 -10.88 -29.07 -23.87
N HIS A 197 -10.65 -27.99 -24.61
CA HIS A 197 -9.50 -27.98 -25.54
C HIS A 197 -8.41 -26.97 -25.16
N GLU A 198 -8.56 -26.35 -23.98
CA GLU A 198 -7.68 -25.29 -23.53
C GLU A 198 -7.06 -25.56 -22.14
N ALA A 199 -6.00 -24.79 -21.83
CA ALA A 199 -5.37 -24.83 -20.53
C ALA A 199 -4.92 -23.42 -20.15
N THR A 200 -4.91 -23.12 -18.86
CA THR A 200 -4.39 -21.85 -18.36
C THR A 200 -2.94 -22.11 -17.93
N LEU A 201 -2.04 -21.24 -18.39
CA LEU A 201 -0.65 -21.27 -17.91
C LEU A 201 -0.54 -20.06 -17.01
N ARG A 202 -0.02 -20.24 -15.79
CA ARG A 202 0.08 -19.14 -14.84
C ARG A 202 1.53 -19.00 -14.42
N CYS A 203 2.07 -17.83 -14.66
CA CYS A 203 3.46 -17.50 -14.37
C CYS A 203 3.46 -16.79 -13.03
N TRP A 204 4.14 -17.35 -12.02
CA TRP A 204 4.16 -16.77 -10.66
C TRP A 204 5.48 -16.07 -10.37
N ALA A 205 5.43 -14.94 -9.67
CA ALA A 205 6.63 -14.23 -9.18
C ALA A 205 6.35 -14.03 -7.68
N LEU A 206 7.19 -14.63 -6.84
CA LEU A 206 6.99 -14.59 -5.41
C LEU A 206 8.21 -14.08 -4.67
N SER A 207 7.99 -13.66 -3.41
CA SER A 207 9.05 -13.26 -2.49
CA SER A 207 9.07 -13.26 -2.48
C SER A 207 10.00 -12.18 -3.02
N PHE A 208 9.46 -11.21 -3.78
CA PHE A 208 10.32 -10.20 -4.33
C PHE A 208 10.21 -8.85 -3.59
N TYR A 209 11.26 -8.07 -3.71
CA TYR A 209 11.35 -6.75 -3.10
C TYR A 209 12.38 -5.93 -3.92
N PRO A 210 12.10 -4.66 -4.31
CA PRO A 210 10.87 -3.86 -4.09
C PRO A 210 9.68 -4.38 -4.87
N ALA A 211 8.49 -3.81 -4.64
CA ALA A 211 7.23 -4.24 -5.24
C ALA A 211 7.17 -4.08 -6.77
N GLU A 212 7.86 -3.09 -7.33
CA GLU A 212 7.85 -2.85 -8.79
C GLU A 212 8.34 -4.07 -9.57
N ILE A 213 7.53 -4.52 -10.55
CA ILE A 213 7.87 -5.69 -11.38
C ILE A 213 7.02 -5.67 -12.66
N THR A 214 7.50 -6.29 -13.73
CA THR A 214 6.72 -6.41 -14.95
CA THR A 214 6.68 -6.44 -14.93
C THR A 214 6.67 -7.90 -15.33
N LEU A 215 5.46 -8.45 -15.55
CA LEU A 215 5.26 -9.83 -15.99
C LEU A 215 4.55 -9.70 -17.29
N THR A 216 5.08 -10.29 -18.37
CA THR A 216 4.40 -10.17 -19.67
C THR A 216 4.46 -11.52 -20.35
N TRP A 217 3.41 -11.87 -21.09
CA TRP A 217 3.39 -13.09 -21.87
C TRP A 217 3.69 -12.75 -23.32
N GLN A 218 4.35 -13.68 -24.00
CA GLN A 218 4.60 -13.58 -25.43
C GLN A 218 4.14 -14.84 -26.09
N ARG A 219 3.72 -14.74 -27.37
CA ARG A 219 3.33 -15.94 -28.12
C ARG A 219 4.16 -15.84 -29.37
N ASP A 220 5.03 -16.85 -29.60
CA ASP A 220 5.94 -16.90 -30.75
C ASP A 220 6.77 -15.58 -30.82
N GLY A 221 7.20 -15.08 -29.64
CA GLY A 221 8.05 -13.90 -29.50
C GLY A 221 7.36 -12.57 -29.68
N GLU A 222 6.02 -12.54 -29.68
CA GLU A 222 5.28 -11.28 -29.82
C GLU A 222 4.36 -11.09 -28.61
N ASP A 223 4.22 -9.86 -28.12
CA ASP A 223 3.37 -9.58 -26.96
C ASP A 223 1.94 -10.08 -27.13
N GLN A 224 1.48 -10.81 -26.12
CA GLN A 224 0.16 -11.41 -26.03
C GLN A 224 -0.57 -10.70 -24.91
N THR A 225 -1.70 -10.08 -25.24
CA THR A 225 -2.59 -9.36 -24.31
C THR A 225 -3.99 -10.02 -24.29
N GLN A 226 -4.39 -10.61 -25.43
CA GLN A 226 -5.67 -11.33 -25.55
C GLN A 226 -5.65 -12.58 -24.62
N ASP A 227 -6.76 -12.89 -23.94
CA ASP A 227 -6.89 -14.07 -23.07
C ASP A 227 -5.84 -14.14 -21.94
N THR A 228 -5.39 -12.96 -21.46
CA THR A 228 -4.42 -12.89 -20.37
C THR A 228 -5.07 -12.24 -19.15
N GLU A 229 -4.57 -12.59 -17.98
CA GLU A 229 -5.07 -12.00 -16.73
C GLU A 229 -3.84 -11.72 -15.85
N LEU A 230 -3.75 -10.50 -15.32
CA LEU A 230 -2.64 -10.05 -14.50
C LEU A 230 -3.22 -9.54 -13.18
N VAL A 231 -2.86 -10.16 -12.05
CA VAL A 231 -3.38 -9.66 -10.77
C VAL A 231 -2.56 -8.49 -10.31
N GLU A 232 -3.14 -7.63 -9.46
CA GLU A 232 -2.37 -6.52 -8.92
CA GLU A 232 -2.38 -6.52 -8.92
C GLU A 232 -1.32 -7.09 -7.95
N THR A 233 -0.13 -6.49 -7.95
CA THR A 233 0.93 -6.89 -7.01
C THR A 233 0.39 -6.82 -5.58
N ARG A 234 0.66 -7.85 -4.79
CA ARG A 234 0.09 -7.96 -3.45
C ARG A 234 1.17 -8.28 -2.44
N PRO A 235 0.97 -7.88 -1.17
CA PRO A 235 1.97 -8.16 -0.14
C PRO A 235 1.90 -9.64 0.31
N ALA A 236 3.05 -10.25 0.50
CA ALA A 236 3.09 -11.64 0.99
C ALA A 236 2.78 -11.64 2.52
N GLY A 237 3.11 -10.54 3.20
CA GLY A 237 2.90 -10.40 4.65
C GLY A 237 4.18 -10.50 5.45
N ASP A 238 5.30 -10.88 4.80
CA ASP A 238 6.63 -10.97 5.44
C ASP A 238 7.58 -9.88 4.92
N GLY A 239 7.03 -8.83 4.31
CA GLY A 239 7.78 -7.71 3.75
C GLY A 239 8.04 -7.82 2.25
N THR A 240 7.76 -9.00 1.67
CA THR A 240 7.97 -9.20 0.22
C THR A 240 6.62 -9.13 -0.52
N PHE A 241 6.67 -9.25 -1.84
CA PHE A 241 5.49 -9.10 -2.67
C PHE A 241 5.34 -10.26 -3.62
N GLN A 242 4.13 -10.36 -4.20
CA GLN A 242 3.79 -11.46 -5.13
C GLN A 242 3.02 -10.90 -6.28
N LYS A 243 3.03 -11.63 -7.40
CA LYS A 243 2.24 -11.27 -8.57
C LYS A 243 2.19 -12.51 -9.46
N TRP A 244 1.10 -12.63 -10.21
CA TRP A 244 1.01 -13.67 -11.24
C TRP A 244 0.33 -13.11 -12.50
N ALA A 245 0.63 -13.74 -13.64
CA ALA A 245 0.05 -13.40 -14.94
C ALA A 245 -0.35 -14.74 -15.58
N ALA A 246 -1.54 -14.82 -16.16
CA ALA A 246 -2.00 -16.07 -16.77
C ALA A 246 -2.44 -15.87 -18.20
N VAL A 247 -2.36 -16.93 -19.00
CA VAL A 247 -2.82 -16.93 -20.39
C VAL A 247 -3.54 -18.26 -20.66
N VAL A 248 -4.63 -18.20 -21.40
CA VAL A 248 -5.39 -19.38 -21.79
C VAL A 248 -4.88 -19.75 -23.16
N VAL A 249 -4.47 -21.00 -23.32
CA VAL A 249 -3.88 -21.45 -24.56
C VAL A 249 -4.54 -22.75 -25.05
N PRO A 250 -4.46 -23.03 -26.38
CA PRO A 250 -4.99 -24.32 -26.87
C PRO A 250 -4.05 -25.41 -26.35
N SER A 251 -4.61 -26.53 -25.83
CA SER A 251 -3.74 -27.64 -25.38
C SER A 251 -2.89 -28.18 -26.52
N GLY A 252 -1.63 -28.46 -26.21
CA GLY A 252 -0.64 -28.90 -27.16
C GLY A 252 0.20 -27.76 -27.71
N GLN A 253 -0.24 -26.49 -27.51
CA GLN A 253 0.47 -25.31 -28.04
C GLN A 253 1.22 -24.53 -26.94
N GLU A 254 1.35 -25.10 -25.72
CA GLU A 254 2.03 -24.45 -24.59
C GLU A 254 3.44 -23.90 -24.86
N GLN A 255 4.25 -24.62 -25.66
N GLN A 255 4.25 -24.61 -25.69
CA GLN A 255 5.63 -24.24 -25.96
CA GLN A 255 5.64 -24.23 -26.04
C GLN A 255 5.78 -22.94 -26.79
C GLN A 255 5.77 -22.92 -26.76
N ARG A 256 4.70 -22.46 -27.43
CA ARG A 256 4.72 -21.19 -28.18
C ARG A 256 4.75 -19.99 -27.19
N TYR A 257 4.33 -20.23 -25.95
CA TYR A 257 4.12 -19.17 -24.94
C TYR A 257 5.28 -19.04 -23.96
N THR A 258 5.69 -17.81 -23.71
CA THR A 258 6.78 -17.57 -22.78
C THR A 258 6.41 -16.43 -21.88
N CYS A 259 6.74 -16.56 -20.59
CA CYS A 259 6.49 -15.52 -19.60
C CYS A 259 7.82 -14.80 -19.37
N HIS A 260 7.81 -13.47 -19.36
CA HIS A 260 8.99 -12.63 -19.19
C HIS A 260 8.88 -11.81 -17.90
N VAL A 261 9.92 -11.86 -17.09
CA VAL A 261 9.90 -11.20 -15.78
C VAL A 261 11.00 -10.16 -15.71
N GLN A 262 10.64 -8.93 -15.38
CA GLN A 262 11.63 -7.87 -15.22
C GLN A 262 11.55 -7.35 -13.80
N HIS A 263 12.69 -7.19 -13.14
CA HIS A 263 12.72 -6.70 -11.77
C HIS A 263 14.13 -6.16 -11.52
N GLU A 264 14.26 -5.20 -10.60
CA GLU A 264 15.52 -4.61 -10.14
C GLU A 264 16.54 -5.69 -9.67
N GLY A 265 16.04 -6.76 -9.04
CA GLY A 265 16.86 -7.86 -8.52
C GLY A 265 17.41 -8.85 -9.54
N LEU A 266 16.98 -8.73 -10.82
CA LEU A 266 17.39 -9.62 -11.91
C LEU A 266 18.35 -8.88 -12.87
N PRO A 267 19.67 -9.21 -12.87
CA PRO A 267 20.60 -8.54 -13.82
C PRO A 267 20.24 -8.77 -15.29
N LYS A 268 19.64 -9.94 -15.58
CA LYS A 268 19.11 -10.26 -16.92
C LYS A 268 17.61 -10.66 -16.81
N PRO A 269 16.67 -10.16 -17.68
CA PRO A 269 15.26 -10.61 -17.58
C PRO A 269 15.13 -12.14 -17.68
N LEU A 270 14.14 -12.66 -16.97
CA LEU A 270 13.90 -14.09 -16.86
C LEU A 270 12.82 -14.44 -17.87
N THR A 271 12.95 -15.64 -18.47
CA THR A 271 11.97 -16.23 -19.41
C THR A 271 11.59 -17.60 -18.86
N LEU A 272 10.27 -17.88 -18.80
CA LEU A 272 9.76 -19.16 -18.34
C LEU A 272 8.89 -19.73 -19.44
N ARG A 273 8.89 -21.06 -19.57
CA ARG A 273 8.08 -21.80 -20.54
C ARG A 273 7.57 -23.04 -19.84
N TRP A 274 6.40 -23.54 -20.22
CA TRP A 274 5.86 -24.74 -19.61
C TRP A 274 6.53 -25.93 -20.28
N GLU A 275 7.13 -26.85 -19.50
CA GLU A 275 7.72 -28.08 -20.06
C GLU A 275 6.63 -29.19 -20.09
N PRO A 276 6.39 -29.83 -21.26
CA PRO A 276 5.23 -30.76 -21.37
C PRO A 276 5.22 -32.00 -20.45
N SER A 277 6.37 -32.40 -19.86
CA SER A 277 6.42 -33.57 -18.98
C SER A 277 5.82 -33.32 -17.58
N SER A 278 5.82 -32.06 -17.09
CA SER A 278 5.31 -31.68 -15.76
C SER A 278 3.78 -31.69 -15.65
N ILE B 2 -16.16 9.45 -4.65
CA ILE B 2 -16.97 9.49 -3.43
C ILE B 2 -16.87 8.15 -2.69
N GLN B 3 -17.39 7.07 -3.30
CA GLN B 3 -17.39 5.76 -2.68
C GLN B 3 -16.94 4.74 -3.72
N ARG B 4 -15.82 4.07 -3.43
CA ARG B 4 -15.17 3.07 -4.27
C ARG B 4 -15.23 1.73 -3.59
N THR B 5 -15.64 0.71 -4.36
CA THR B 5 -15.83 -0.66 -3.88
CA THR B 5 -15.83 -0.63 -3.81
C THR B 5 -14.49 -1.37 -3.69
N PRO B 6 -14.29 -2.19 -2.64
CA PRO B 6 -13.00 -2.89 -2.53
C PRO B 6 -12.76 -3.99 -3.56
N LYS B 7 -11.51 -4.13 -3.97
CA LYS B 7 -11.03 -5.23 -4.82
C LYS B 7 -10.49 -6.21 -3.78
N ILE B 8 -10.69 -7.50 -3.98
CA ILE B 8 -10.27 -8.45 -2.96
C ILE B 8 -9.40 -9.53 -3.60
N GLN B 9 -8.32 -9.91 -2.92
CA GLN B 9 -7.52 -11.09 -3.30
C GLN B 9 -7.37 -11.92 -2.05
N VAL B 10 -7.62 -13.22 -2.16
CA VAL B 10 -7.44 -14.15 -1.03
C VAL B 10 -6.39 -15.12 -1.52
N TYR B 11 -5.35 -15.37 -0.70
CA TYR B 11 -4.19 -16.16 -1.13
C TYR B 11 -3.32 -16.53 0.03
N SER B 12 -2.40 -17.47 -0.19
CA SER B 12 -1.46 -17.89 0.85
C SER B 12 -0.15 -17.17 0.70
N ARG B 13 0.56 -16.99 1.80
CA ARG B 13 1.89 -16.39 1.78
C ARG B 13 2.89 -17.28 1.00
N HIS B 14 2.79 -18.62 1.19
CA HIS B 14 3.68 -19.57 0.51
C HIS B 14 2.86 -20.49 -0.39
N PRO B 15 3.42 -21.08 -1.50
CA PRO B 15 2.63 -22.05 -2.29
C PRO B 15 2.05 -23.13 -1.36
N ALA B 16 0.78 -23.40 -1.50
CA ALA B 16 0.14 -24.27 -0.53
C ALA B 16 0.35 -25.74 -0.79
N GLU B 17 0.56 -26.47 0.29
CA GLU B 17 0.78 -27.93 0.34
CA GLU B 17 0.68 -27.92 0.28
C GLU B 17 -0.13 -28.40 1.47
N ASN B 18 -0.98 -29.39 1.26
CA ASN B 18 -1.84 -29.88 2.35
C ASN B 18 -1.00 -30.41 3.49
N GLY B 19 -1.34 -29.99 4.69
CA GLY B 19 -0.66 -30.42 5.91
C GLY B 19 0.55 -29.58 6.24
N LYS B 20 0.87 -28.55 5.42
CA LYS B 20 2.05 -27.73 5.68
C LYS B 20 1.64 -26.33 6.12
N SER B 21 2.21 -25.89 7.24
CA SER B 21 1.96 -24.60 7.89
CA SER B 21 1.97 -24.61 7.90
C SER B 21 2.11 -23.44 6.94
N ASN B 22 1.19 -22.46 7.02
CA ASN B 22 1.23 -21.34 6.08
C ASN B 22 0.47 -20.12 6.68
N PHE B 23 0.16 -19.12 5.84
CA PHE B 23 -0.54 -17.90 6.27
C PHE B 23 -1.55 -17.57 5.21
N LEU B 24 -2.76 -17.32 5.64
CA LEU B 24 -3.88 -16.98 4.76
C LEU B 24 -4.02 -15.45 4.76
N ASN B 25 -4.02 -14.86 3.56
CA ASN B 25 -4.08 -13.41 3.38
C ASN B 25 -5.33 -13.00 2.70
N CYS B 26 -5.89 -11.86 3.10
CA CYS B 26 -6.99 -11.25 2.35
C CYS B 26 -6.56 -9.80 2.16
N TYR B 27 -6.24 -9.46 0.92
CA TYR B 27 -5.76 -8.14 0.56
C TYR B 27 -6.94 -7.37 -0.02
N VAL B 28 -7.33 -6.29 0.67
CA VAL B 28 -8.46 -5.47 0.23
C VAL B 28 -7.89 -4.11 -0.23
N SER B 29 -8.28 -3.64 -1.38
CA SER B 29 -7.69 -2.40 -1.87
C SER B 29 -8.69 -1.66 -2.75
N GLY B 30 -8.33 -0.45 -3.13
CA GLY B 30 -9.16 0.36 -4.03
C GLY B 30 -10.45 0.86 -3.44
N PHE B 31 -10.58 0.88 -2.12
CA PHE B 31 -11.84 1.30 -1.53
C PHE B 31 -11.80 2.67 -0.86
N HIS B 32 -12.97 3.29 -0.74
CA HIS B 32 -13.14 4.59 -0.10
C HIS B 32 -14.62 4.67 0.26
N PRO B 33 -15.03 5.01 1.49
CA PRO B 33 -14.23 5.42 2.66
C PRO B 33 -13.47 4.27 3.33
N SER B 34 -12.69 4.56 4.38
CA SER B 34 -11.79 3.58 5.02
C SER B 34 -12.48 2.52 5.90
N ASP B 35 -13.69 2.80 6.42
CA ASP B 35 -14.37 1.83 7.29
C ASP B 35 -14.72 0.59 6.49
N ILE B 36 -14.25 -0.56 6.95
CA ILE B 36 -14.44 -1.81 6.24
C ILE B 36 -14.44 -2.94 7.26
N GLU B 37 -15.21 -3.99 6.96
CA GLU B 37 -15.30 -5.18 7.81
C GLU B 37 -14.69 -6.33 7.01
N VAL B 38 -13.64 -6.94 7.52
CA VAL B 38 -12.98 -8.06 6.84
C VAL B 38 -12.88 -9.22 7.81
N ASP B 39 -13.38 -10.40 7.40
CA ASP B 39 -13.27 -11.61 8.21
C ASP B 39 -12.63 -12.71 7.42
N LEU B 40 -11.76 -13.52 8.04
CA LEU B 40 -11.24 -14.71 7.36
C LEU B 40 -12.12 -15.86 7.88
N LEU B 41 -12.60 -16.72 6.95
CA LEU B 41 -13.49 -17.83 7.30
C LEU B 41 -12.83 -19.18 7.10
N LYS B 42 -13.17 -20.13 7.98
CA LYS B 42 -12.75 -21.53 7.86
C LYS B 42 -14.07 -22.30 7.92
N ASN B 43 -14.46 -22.93 6.79
CA ASN B 43 -15.71 -23.69 6.64
C ASN B 43 -16.94 -22.81 6.97
N GLY B 44 -16.87 -21.55 6.56
CA GLY B 44 -17.94 -20.55 6.76
C GLY B 44 -17.96 -19.91 8.13
N GLU B 45 -17.05 -20.32 9.04
CA GLU B 45 -16.95 -19.81 10.40
C GLU B 45 -15.81 -18.80 10.54
N ARG B 46 -16.08 -17.66 11.18
CA ARG B 46 -15.11 -16.59 11.38
C ARG B 46 -13.91 -17.04 12.19
N ILE B 47 -12.69 -16.78 11.68
CA ILE B 47 -11.44 -17.09 12.37
C ILE B 47 -11.21 -15.94 13.38
N GLU B 48 -10.84 -16.29 14.64
CA GLU B 48 -10.67 -15.38 15.76
CA GLU B 48 -10.67 -15.34 15.74
C GLU B 48 -9.36 -14.56 15.78
N LYS B 49 -8.20 -15.22 15.61
CA LYS B 49 -6.85 -14.62 15.72
C LYS B 49 -6.34 -13.74 14.52
N VAL B 50 -7.24 -13.12 13.74
CA VAL B 50 -6.85 -12.37 12.54
C VAL B 50 -6.24 -11.00 12.83
N GLU B 51 -5.06 -10.73 12.27
CA GLU B 51 -4.36 -9.43 12.40
C GLU B 51 -4.47 -8.64 11.09
N HIS B 52 -4.22 -7.33 11.15
CA HIS B 52 -4.27 -6.55 9.93
C HIS B 52 -3.18 -5.49 9.90
N SER B 53 -2.85 -5.03 8.67
CA SER B 53 -1.83 -3.99 8.49
C SER B 53 -2.41 -2.62 8.89
N ASP B 54 -1.52 -1.61 8.99
CA ASP B 54 -1.94 -0.26 9.30
C ASP B 54 -2.43 0.37 8.02
N LEU B 55 -3.59 1.00 8.07
CA LEU B 55 -4.21 1.68 6.92
C LEU B 55 -3.27 2.59 6.16
N SER B 56 -3.24 2.39 4.85
CA SER B 56 -2.46 3.24 3.93
C SER B 56 -3.28 3.40 2.68
N PHE B 57 -2.78 4.16 1.71
CA PHE B 57 -3.55 4.45 0.53
C PHE B 57 -2.62 4.67 -0.66
N SER B 58 -3.20 4.52 -1.84
CA SER B 58 -2.53 4.65 -3.13
CA SER B 58 -2.48 4.67 -3.10
C SER B 58 -2.61 6.09 -3.67
N LYS B 59 -1.98 6.35 -4.85
CA LYS B 59 -1.94 7.64 -5.55
C LYS B 59 -3.33 8.28 -5.74
N ASP B 60 -4.33 7.45 -6.06
CA ASP B 60 -5.72 7.87 -6.30
C ASP B 60 -6.52 8.01 -4.99
N TRP B 61 -5.83 7.94 -3.84
CA TRP B 61 -6.38 8.08 -2.47
C TRP B 61 -7.15 6.86 -1.94
N SER B 62 -7.28 5.81 -2.75
CA SER B 62 -8.01 4.63 -2.30
CA SER B 62 -7.98 4.58 -2.35
C SER B 62 -7.17 3.88 -1.27
N PHE B 63 -7.83 3.33 -0.30
CA PHE B 63 -7.19 2.64 0.79
C PHE B 63 -6.85 1.20 0.48
N TYR B 64 -5.91 0.65 1.25
CA TYR B 64 -5.61 -0.79 1.19
C TYR B 64 -5.23 -1.31 2.55
N LEU B 65 -5.58 -2.59 2.80
CA LEU B 65 -5.29 -3.30 4.05
C LEU B 65 -5.04 -4.75 3.75
N LEU B 66 -4.16 -5.35 4.56
CA LEU B 66 -3.91 -6.78 4.49
C LEU B 66 -4.40 -7.38 5.81
N TYR B 67 -5.29 -8.38 5.74
CA TYR B 67 -5.76 -9.15 6.89
C TYR B 67 -5.10 -10.53 6.74
N TYR B 68 -4.58 -11.07 7.83
CA TYR B 68 -3.87 -12.33 7.78
C TYR B 68 -3.90 -13.14 9.06
N THR B 69 -3.74 -14.45 8.90
CA THR B 69 -3.71 -15.38 10.03
C THR B 69 -2.97 -16.62 9.61
N GLU B 70 -2.48 -17.38 10.59
CA GLU B 70 -1.81 -18.65 10.30
C GLU B 70 -2.86 -19.68 9.92
N PHE B 71 -2.52 -20.61 9.01
CA PHE B 71 -3.44 -21.68 8.66
C PHE B 71 -2.66 -22.85 8.11
N THR B 72 -3.29 -24.00 8.11
CA THR B 72 -2.66 -25.19 7.53
C THR B 72 -3.64 -25.72 6.51
N PRO B 73 -3.38 -25.57 5.19
CA PRO B 73 -4.34 -26.10 4.21
C PRO B 73 -4.51 -27.61 4.33
N THR B 74 -5.71 -28.11 4.03
CA THR B 74 -6.02 -29.56 4.05
C THR B 74 -6.95 -29.84 2.86
N GLU B 75 -7.17 -31.14 2.56
CA GLU B 75 -8.07 -31.54 1.47
C GLU B 75 -9.53 -31.18 1.78
N LYS B 76 -9.92 -31.23 3.06
CA LYS B 76 -11.32 -31.02 3.48
C LYS B 76 -11.74 -29.59 3.85
N ASP B 77 -10.83 -28.74 4.32
CA ASP B 77 -11.27 -27.42 4.78
C ASP B 77 -11.38 -26.43 3.65
N GLU B 78 -12.37 -25.55 3.73
CA GLU B 78 -12.62 -24.46 2.80
C GLU B 78 -12.28 -23.15 3.50
N TYR B 79 -11.55 -22.27 2.81
CA TYR B 79 -11.15 -20.97 3.40
C TYR B 79 -11.66 -19.89 2.52
N ALA B 80 -11.94 -18.75 3.13
CA ALA B 80 -12.46 -17.63 2.38
C ALA B 80 -12.28 -16.36 3.18
N CYS B 81 -12.52 -15.25 2.52
CA CYS B 81 -12.48 -13.93 3.14
CA CYS B 81 -12.54 -14.01 3.25
C CYS B 81 -13.83 -13.28 2.90
N ARG B 82 -14.42 -12.66 3.92
CA ARG B 82 -15.72 -12.01 3.79
C ARG B 82 -15.57 -10.52 4.05
N VAL B 83 -15.96 -9.73 3.07
CA VAL B 83 -15.80 -8.28 3.18
C VAL B 83 -17.15 -7.56 3.13
N ASN B 84 -17.31 -6.58 4.02
CA ASN B 84 -18.48 -5.74 3.95
C ASN B 84 -17.98 -4.31 3.94
N HIS B 85 -18.65 -3.45 3.18
CA HIS B 85 -18.29 -2.05 3.02
C HIS B 85 -19.58 -1.31 2.67
N VAL B 86 -19.61 0.00 2.88
CA VAL B 86 -20.80 0.82 2.57
C VAL B 86 -21.23 0.72 1.07
N THR B 87 -20.27 0.46 0.16
CA THR B 87 -20.56 0.30 -1.27
C THR B 87 -21.22 -1.05 -1.64
N LEU B 88 -21.25 -1.99 -0.70
CA LEU B 88 -21.77 -3.34 -0.91
C LEU B 88 -23.14 -3.58 -0.27
N SER B 89 -24.07 -4.17 -1.07
CA SER B 89 -25.46 -4.52 -0.68
C SER B 89 -25.48 -5.62 0.39
N GLN B 90 -24.62 -6.66 0.21
CA GLN B 90 -24.48 -7.82 1.11
CA GLN B 90 -24.48 -7.78 1.15
C GLN B 90 -22.98 -8.08 1.27
N PRO B 91 -22.49 -8.82 2.31
CA PRO B 91 -21.04 -9.10 2.38
C PRO B 91 -20.58 -9.93 1.18
N LYS B 92 -19.42 -9.55 0.61
CA LYS B 92 -18.81 -10.22 -0.53
C LYS B 92 -17.86 -11.32 0.01
N ILE B 93 -18.07 -12.57 -0.42
CA ILE B 93 -17.23 -13.71 0.00
C ILE B 93 -16.39 -14.19 -1.18
N VAL B 94 -15.05 -14.25 -1.01
CA VAL B 94 -14.16 -14.74 -2.04
C VAL B 94 -13.50 -15.98 -1.46
N LYS B 95 -13.67 -17.12 -2.14
CA LYS B 95 -13.11 -18.38 -1.66
C LYS B 95 -11.63 -18.42 -2.01
N TRP B 96 -10.83 -19.00 -1.11
CA TRP B 96 -9.43 -19.23 -1.36
C TRP B 96 -9.28 -20.43 -2.31
N ASP B 97 -8.48 -20.26 -3.36
CA ASP B 97 -8.12 -21.28 -4.32
C ASP B 97 -6.59 -21.22 -4.37
N ARG B 98 -5.91 -22.34 -4.02
CA ARG B 98 -4.44 -22.36 -4.01
C ARG B 98 -3.81 -22.11 -5.38
N ASP B 99 -4.61 -22.20 -6.46
CA ASP B 99 -4.12 -21.97 -7.82
C ASP B 99 -3.99 -20.48 -8.17
N MET B 100 -4.43 -19.57 -7.26
CA MET B 100 -4.42 -18.13 -7.49
C MET B 100 -3.97 -17.25 -6.28
N VAL C 1 12.10 11.25 9.30
CA VAL C 1 11.44 12.16 10.24
C VAL C 1 10.32 12.92 9.57
N VAL C 2 9.22 13.11 10.29
CA VAL C 2 8.05 13.82 9.79
C VAL C 2 8.32 15.34 9.74
N PHE C 3 7.46 16.04 9.03
CA PHE C 3 7.54 17.50 8.88
C PHE C 3 7.05 18.19 10.15
N LEU C 4 7.70 19.30 10.52
CA LEU C 4 7.38 20.08 11.72
C LEU C 4 6.23 21.10 11.53
N HIS C 5 6.08 21.73 10.36
CA HIS C 5 5.13 22.84 10.20
C HIS C 5 3.79 22.59 9.46
N VAL C 6 3.00 21.56 9.79
CA VAL C 6 1.71 21.41 9.07
C VAL C 6 0.77 22.58 9.48
N THR C 7 0.08 23.15 8.48
CA THR C 7 -0.73 24.37 8.68
C THR C 7 -2.16 24.07 8.32
N TYR C 8 -3.09 24.78 8.94
CA TYR C 8 -4.52 24.61 8.67
C TYR C 8 -4.88 24.88 7.24
N VAL C 9 -5.87 24.15 6.72
CA VAL C 9 -6.45 24.47 5.40
C VAL C 9 -7.35 25.75 5.56
#